data_8SAF
#
_entry.id   8SAF
#
_cell.length_a   42.292
_cell.length_b   41.290
_cell.length_c   72.003
_cell.angle_alpha   90.00
_cell.angle_beta   104.43
_cell.angle_gamma   90.00
#
_symmetry.space_group_name_H-M   'P 1 21 1'
#
loop_
_entity.id
_entity.type
_entity.pdbx_description
1 polymer 'Carbonic anhydrase 2'
2 non-polymer 'ZINC ION'
3 non-polymer 2-[(2-oxo-3,4-dihydro-2H-1-benzopyran-7-yl)oxy]-N-(4-sulfamoylphenyl)acetamide
4 water water
#
_entity_poly.entity_id   1
_entity_poly.type   'polypeptide(L)'
_entity_poly.pdbx_seq_one_letter_code
;MSHHWGYGKHNGPEHWHKDFPIAKGERQSPVDIDTHTAKYDPSLKPLSVSYDQATSLRILNNGHAFNVEFDDSQDKAVLK
GGPLDGTYRLIQFHFHWGSLDGQGSEHTVDKKKYAAELHLVHWNTKYGDFGKAVQQPDGLAVLGIFLKVGSAKPGLQKVV
DVLDSIKTKGKSADFTNFDPRGLLPESLDYWTYPGSLTTPPLLECVTWIVLKEPISVSSEQVLKFRKLNFNGEGEPEELM
VDNWRPAQPLKNRQIKASFK
;
_entity_poly.pdbx_strand_id   A
#
loop_
_chem_comp.id
_chem_comp.type
_chem_comp.name
_chem_comp.formula
ZN non-polymer 'ZINC ION' 'Zn 2'
ZUJ non-polymer 2-[(2-oxo-3,4-dihydro-2H-1-benzopyran-7-yl)oxy]-N-(4-sulfamoylphenyl)acetamide 'C17 H16 N2 O6 S'
#
# COMPACT_ATOMS: atom_id res chain seq x y z
N HIS A 4 -14.78 14.26 9.23
CA HIS A 4 -14.54 13.06 8.43
C HIS A 4 -13.38 12.22 8.99
N TRP A 5 -13.12 11.06 8.41
CA TRP A 5 -12.10 10.17 9.00
C TRP A 5 -10.72 10.69 8.65
N GLY A 6 -9.75 10.40 9.51
CA GLY A 6 -8.37 10.77 9.29
C GLY A 6 -7.44 9.93 10.14
N TYR A 7 -6.33 10.52 10.54
CA TYR A 7 -5.38 9.86 11.42
C TYR A 7 -5.11 10.64 12.70
N GLY A 8 -5.97 11.61 13.02
CA GLY A 8 -5.78 12.40 14.21
C GLY A 8 -6.40 11.74 15.43
N LYS A 9 -6.20 12.40 16.57
CA LYS A 9 -6.71 11.90 17.83
C LYS A 9 -8.23 11.78 17.80
N HIS A 10 -8.92 12.66 17.07
CA HIS A 10 -10.37 12.72 17.13
C HIS A 10 -11.05 12.01 15.96
N ASN A 11 -10.29 11.60 14.94
CA ASN A 11 -10.91 10.94 13.79
C ASN A 11 -10.07 9.79 13.25
N GLY A 12 -9.12 9.31 14.04
CA GLY A 12 -8.16 8.30 13.64
C GLY A 12 -8.70 6.88 13.74
N PRO A 13 -7.79 5.92 13.54
CA PRO A 13 -8.21 4.51 13.43
C PRO A 13 -9.13 3.99 14.53
N GLU A 14 -8.99 4.45 15.75
CA GLU A 14 -9.87 4.01 16.83
C GLU A 14 -11.30 4.48 16.69
N HIS A 15 -11.57 5.46 15.84
CA HIS A 15 -12.89 6.00 15.60
C HIS A 15 -13.58 5.44 14.36
N TRP A 16 -12.82 4.82 13.46
CA TRP A 16 -13.37 4.49 12.15
C TRP A 16 -14.57 3.54 12.22
N HIS A 17 -14.63 2.68 13.24
CA HIS A 17 -15.71 1.69 13.31
C HIS A 17 -17.09 2.34 13.40
N LYS A 18 -17.18 3.57 13.86
CA LYS A 18 -18.50 4.19 14.00
C LYS A 18 -19.13 4.46 12.66
N ASP A 19 -18.36 4.90 11.67
CA ASP A 19 -18.90 5.08 10.33
C ASP A 19 -18.71 3.83 9.47
N PHE A 20 -17.74 2.96 9.81
CA PHE A 20 -17.40 1.80 8.99
C PHE A 20 -17.32 0.59 9.91
N PRO A 21 -18.47 0.02 10.28
CA PRO A 21 -18.45 -1.07 11.25
C PRO A 21 -17.62 -2.27 10.86
N ILE A 22 -17.35 -2.48 9.57
N ILE A 22 -17.35 -2.45 9.57
CA ILE A 22 -16.48 -3.57 9.16
CA ILE A 22 -16.48 -3.51 9.10
C ILE A 22 -15.08 -3.42 9.75
C ILE A 22 -15.05 -3.36 9.62
N ALA A 23 -14.75 -2.24 10.29
CA ALA A 23 -13.46 -2.07 10.94
C ALA A 23 -13.19 -3.13 12.01
N LYS A 24 -14.24 -3.76 12.55
CA LYS A 24 -14.12 -4.82 13.55
C LYS A 24 -14.39 -6.18 12.93
N GLY A 25 -14.23 -6.29 11.62
CA GLY A 25 -14.59 -7.51 10.92
C GLY A 25 -13.57 -8.63 11.06
N GLU A 26 -13.83 -9.68 10.28
CA GLU A 26 -13.09 -10.93 10.45
C GLU A 26 -11.83 -10.99 9.59
N ARG A 27 -11.65 -10.07 8.65
CA ARG A 27 -10.46 -10.13 7.79
C ARG A 27 -9.90 -8.73 7.52
N GLN A 28 -9.59 -8.01 8.60
CA GLN A 28 -9.11 -6.65 8.53
C GLN A 28 -7.60 -6.61 8.42
N SER A 29 -7.11 -5.56 7.80
CA SER A 29 -5.71 -5.30 7.57
C SER A 29 -5.33 -3.93 8.09
N PRO A 30 -4.07 -3.70 8.40
CA PRO A 30 -2.95 -4.64 8.32
C PRO A 30 -2.91 -5.61 9.50
N VAL A 31 -1.91 -6.51 9.53
CA VAL A 31 -1.70 -7.45 10.61
C VAL A 31 -0.21 -7.53 10.92
N ASP A 32 0.10 -8.04 12.10
CA ASP A 32 1.47 -8.45 12.39
C ASP A 32 1.74 -9.78 11.72
N ILE A 33 2.88 -9.89 11.06
CA ILE A 33 3.33 -11.11 10.40
C ILE A 33 4.29 -11.78 11.36
N ASP A 34 3.82 -12.81 12.06
CA ASP A 34 4.69 -13.56 12.95
C ASP A 34 5.42 -14.59 12.09
N THR A 35 6.71 -14.34 11.83
CA THR A 35 7.42 -15.12 10.82
C THR A 35 7.57 -16.58 11.25
N HIS A 36 7.57 -16.85 12.56
CA HIS A 36 7.69 -18.23 13.02
C HIS A 36 6.40 -18.99 12.83
N THR A 37 5.26 -18.32 12.84
CA THR A 37 3.97 -18.99 12.73
C THR A 37 3.47 -19.03 11.29
N ALA A 38 4.04 -18.23 10.41
CA ALA A 38 3.72 -18.32 8.99
C ALA A 38 4.28 -19.62 8.47
N LYS A 39 3.47 -20.39 7.76
CA LYS A 39 3.91 -21.67 7.24
C LYS A 39 4.30 -21.58 5.78
N TYR A 40 5.44 -22.17 5.44
CA TYR A 40 5.83 -22.32 4.05
C TYR A 40 4.79 -23.18 3.34
N ASP A 41 4.28 -22.66 2.22
CA ASP A 41 3.32 -23.38 1.39
C ASP A 41 3.96 -23.70 0.04
N PRO A 42 4.46 -24.93 -0.16
CA PRO A 42 5.14 -25.26 -1.44
C PRO A 42 4.23 -25.22 -2.67
N SER A 43 2.91 -25.15 -2.50
CA SER A 43 1.99 -25.02 -3.63
C SER A 43 1.85 -23.58 -4.09
N LEU A 44 2.43 -22.61 -3.38
CA LEU A 44 2.44 -21.23 -3.88
C LEU A 44 3.40 -21.10 -5.07
N LYS A 45 2.94 -20.42 -6.11
CA LYS A 45 3.74 -20.17 -7.30
C LYS A 45 4.53 -18.88 -7.15
N PRO A 46 5.58 -18.71 -7.94
CA PRO A 46 6.28 -17.43 -7.96
C PRO A 46 5.32 -16.32 -8.35
N LEU A 47 5.52 -15.14 -7.78
CA LEU A 47 4.81 -13.96 -8.24
C LEU A 47 5.24 -13.61 -9.66
N SER A 48 4.30 -13.14 -10.46
CA SER A 48 4.55 -12.65 -11.81
C SER A 48 4.18 -11.17 -11.82
N VAL A 49 5.18 -10.31 -11.86
CA VAL A 49 5.00 -8.86 -11.94
C VAL A 49 5.38 -8.44 -13.37
N SER A 50 4.41 -7.98 -14.14
CA SER A 50 4.63 -7.61 -15.54
C SER A 50 4.33 -6.13 -15.63
N TYR A 51 5.34 -5.30 -15.35
CA TYR A 51 5.19 -3.85 -15.36
C TYR A 51 5.83 -3.18 -16.58
N ASP A 52 6.36 -3.93 -17.56
CA ASP A 52 7.13 -3.30 -18.63
C ASP A 52 6.29 -2.28 -19.43
N GLN A 53 4.97 -2.48 -19.53
CA GLN A 53 4.09 -1.58 -20.27
C GLN A 53 3.29 -0.64 -19.39
N ALA A 54 3.69 -0.49 -18.14
CA ALA A 54 2.94 0.40 -17.25
C ALA A 54 2.91 1.81 -17.81
N THR A 55 1.76 2.45 -17.67
CA THR A 55 1.51 3.83 -18.12
C THR A 55 1.03 4.63 -16.92
N SER A 56 1.95 5.31 -16.24
CA SER A 56 1.56 6.24 -15.19
C SER A 56 1.01 7.51 -15.80
N LEU A 57 0.08 8.15 -15.08
CA LEU A 57 -0.59 9.33 -15.61
C LEU A 57 -0.46 10.56 -14.73
N ARG A 58 -0.62 10.40 -13.42
CA ARG A 58 -0.87 11.51 -12.55
C ARG A 58 -0.50 11.15 -11.13
N ILE A 59 -0.14 12.15 -10.32
CA ILE A 59 0.06 12.00 -8.89
C ILE A 59 -0.89 12.96 -8.18
N LEU A 60 -1.59 12.45 -7.17
CA LEU A 60 -2.62 13.19 -6.48
C LEU A 60 -2.40 13.13 -4.98
N ASN A 61 -2.50 14.28 -4.30
CA ASN A 61 -2.59 14.31 -2.83
C ASN A 61 -4.08 14.24 -2.51
N ASN A 62 -4.55 13.14 -1.93
CA ASN A 62 -5.98 12.92 -1.67
C ASN A 62 -6.35 13.24 -0.23
N GLY A 63 -5.46 13.81 0.54
CA GLY A 63 -5.73 14.18 1.91
C GLY A 63 -5.36 13.13 2.93
N HIS A 64 -5.05 11.91 2.51
CA HIS A 64 -4.58 10.88 3.43
C HIS A 64 -3.24 10.28 2.99
N ALA A 65 -2.91 10.35 1.71
CA ALA A 65 -1.65 9.93 1.13
C ALA A 65 -1.53 10.63 -0.22
N PHE A 66 -0.50 10.29 -1.00
CA PHE A 66 -0.48 10.60 -2.42
C PHE A 66 -0.53 9.32 -3.23
N ASN A 67 -1.32 9.36 -4.30
CA ASN A 67 -1.45 8.22 -5.18
C ASN A 67 -0.78 8.53 -6.53
N VAL A 68 0.08 7.64 -6.99
CA VAL A 68 0.51 7.61 -8.38
C VAL A 68 -0.44 6.70 -9.13
N GLU A 69 -1.15 7.28 -10.09
CA GLU A 69 -2.22 6.62 -10.80
C GLU A 69 -1.76 6.18 -12.19
N PHE A 70 -2.30 5.04 -12.63
CA PHE A 70 -1.95 4.39 -13.88
C PHE A 70 -3.16 4.24 -14.76
N ASP A 71 -2.91 4.12 -16.07
CA ASP A 71 -3.94 3.79 -17.03
C ASP A 71 -4.25 2.32 -16.86
N ASP A 72 -5.44 2.00 -16.33
CA ASP A 72 -5.86 0.63 -16.10
C ASP A 72 -6.99 0.23 -17.03
N SER A 73 -7.07 0.87 -18.20
CA SER A 73 -8.10 0.56 -19.19
C SER A 73 -7.71 -0.56 -20.15
N GLN A 74 -6.50 -1.09 -20.02
CA GLN A 74 -6.09 -2.28 -20.76
C GLN A 74 -5.10 -3.04 -19.90
N ASP A 75 -4.82 -4.29 -20.28
CA ASP A 75 -3.81 -5.06 -19.56
C ASP A 75 -2.40 -4.58 -19.86
N LYS A 76 -1.90 -3.63 -19.07
CA LYS A 76 -0.61 -3.01 -19.32
C LYS A 76 0.41 -3.27 -18.24
N ALA A 77 -0.02 -3.23 -16.99
CA ALA A 77 0.81 -3.50 -15.82
C ALA A 77 -0.02 -4.45 -14.97
N VAL A 78 0.38 -5.71 -14.88
CA VAL A 78 -0.46 -6.73 -14.27
C VAL A 78 0.34 -7.58 -13.29
N LEU A 79 -0.36 -8.03 -12.25
CA LEU A 79 0.16 -8.95 -11.28
C LEU A 79 -0.62 -10.25 -11.44
N LYS A 80 0.11 -11.36 -11.47
CA LYS A 80 -0.49 -12.68 -11.56
C LYS A 80 0.39 -13.65 -10.77
N GLY A 81 -0.05 -14.91 -10.76
CA GLY A 81 0.75 -15.90 -10.07
C GLY A 81 0.68 -15.75 -8.57
N GLY A 82 1.72 -16.21 -7.89
CA GLY A 82 1.70 -16.26 -6.45
C GLY A 82 0.48 -17.02 -5.96
N PRO A 83 -0.28 -16.43 -5.04
CA PRO A 83 -1.51 -17.09 -4.57
C PRO A 83 -2.72 -16.83 -5.45
N LEU A 84 -2.58 -16.02 -6.49
CA LEU A 84 -3.70 -15.46 -7.24
C LEU A 84 -4.15 -16.42 -8.32
N ASP A 85 -5.44 -16.37 -8.59
CA ASP A 85 -6.05 -16.92 -9.79
C ASP A 85 -6.43 -15.73 -10.65
N GLY A 86 -5.99 -15.72 -11.88
CA GLY A 86 -6.37 -14.65 -12.75
C GLY A 86 -5.43 -13.45 -12.66
N THR A 87 -5.86 -12.40 -13.33
CA THR A 87 -5.02 -11.29 -13.72
C THR A 87 -5.51 -10.06 -13.02
N TYR A 88 -4.60 -9.32 -12.40
CA TYR A 88 -4.94 -8.15 -11.64
C TYR A 88 -4.18 -6.96 -12.22
N ARG A 89 -4.90 -5.90 -12.53
CA ARG A 89 -4.32 -4.73 -13.19
C ARG A 89 -3.93 -3.66 -12.19
N LEU A 90 -2.73 -3.12 -12.35
CA LEU A 90 -2.29 -2.02 -11.50
C LEU A 90 -3.10 -0.75 -11.78
N ILE A 91 -3.67 -0.16 -10.73
CA ILE A 91 -4.43 1.09 -10.81
C ILE A 91 -3.70 2.24 -10.15
N GLN A 92 -3.05 2.00 -8.99
CA GLN A 92 -2.34 3.07 -8.32
C GLN A 92 -1.38 2.46 -7.31
N PHE A 93 -0.37 3.25 -6.93
CA PHE A 93 0.39 2.98 -5.74
C PHE A 93 0.44 4.20 -4.85
N HIS A 94 0.64 3.94 -3.56
CA HIS A 94 0.79 4.96 -2.55
C HIS A 94 1.63 4.39 -1.42
N PHE A 95 1.94 5.25 -0.44
CA PHE A 95 2.73 4.86 0.71
C PHE A 95 1.97 5.24 1.99
N HIS A 96 2.43 4.65 3.10
CA HIS A 96 2.09 5.06 4.45
C HIS A 96 3.40 5.24 5.17
N TRP A 97 3.50 6.25 6.02
CA TRP A 97 4.79 6.53 6.63
C TRP A 97 4.61 7.23 7.95
N GLY A 98 5.71 7.36 8.67
CA GLY A 98 5.67 7.84 10.04
C GLY A 98 6.20 9.25 10.20
N SER A 99 6.08 9.76 11.42
CA SER A 99 6.73 11.02 11.82
C SER A 99 8.17 10.80 12.22
N LEU A 100 8.55 9.55 12.48
CA LEU A 100 9.89 9.17 12.87
C LEU A 100 10.26 7.90 12.11
N ASP A 101 11.57 7.69 11.92
CA ASP A 101 12.01 6.53 11.14
C ASP A 101 11.59 5.21 11.78
N GLY A 102 11.33 5.19 13.09
CA GLY A 102 10.95 3.99 13.81
C GLY A 102 9.51 3.51 13.68
N GLN A 103 8.69 4.18 12.86
CA GLN A 103 7.30 3.78 12.71
C GLN A 103 6.84 4.28 11.35
N GLY A 104 5.75 3.71 10.87
CA GLY A 104 5.23 4.16 9.60
C GLY A 104 4.59 3.05 8.80
N SER A 105 5.11 1.82 8.91
CA SER A 105 4.51 0.73 8.19
C SER A 105 3.19 0.33 8.83
N GLU A 106 2.35 -0.28 8.01
CA GLU A 106 1.06 -0.81 8.44
C GLU A 106 1.22 -2.26 8.89
N HIS A 107 1.68 -3.14 7.99
CA HIS A 107 2.10 -4.45 8.42
C HIS A 107 3.36 -4.30 9.28
N THR A 108 3.53 -5.24 10.18
CA THR A 108 4.74 -5.36 11.00
C THR A 108 5.25 -6.79 10.86
N VAL A 109 6.53 -7.00 11.18
CA VAL A 109 7.18 -8.30 11.01
C VAL A 109 7.75 -8.65 12.37
N ASP A 110 7.16 -9.64 13.03
CA ASP A 110 7.56 -9.95 14.40
C ASP A 110 7.53 -8.69 15.25
N LYS A 111 6.47 -7.90 15.07
CA LYS A 111 6.20 -6.65 15.78
C LYS A 111 7.11 -5.50 15.35
N LYS A 112 8.06 -5.72 14.45
CA LYS A 112 8.89 -4.66 13.93
C LYS A 112 8.13 -3.75 12.97
N LYS A 113 8.32 -2.45 13.16
CA LYS A 113 7.77 -1.42 12.31
C LYS A 113 8.86 -0.86 11.41
N TYR A 114 8.60 -0.80 10.12
CA TYR A 114 9.44 -0.11 9.17
C TYR A 114 9.03 1.35 9.08
N ALA A 115 9.90 2.14 8.45
CA ALA A 115 9.69 3.58 8.33
C ALA A 115 8.54 3.94 7.39
N ALA A 116 8.19 3.05 6.48
CA ALA A 116 7.13 3.32 5.52
C ALA A 116 6.75 2.00 4.86
N GLU A 117 5.64 2.02 4.13
CA GLU A 117 5.19 0.85 3.42
C GLU A 117 4.54 1.29 2.12
N LEU A 118 4.97 0.70 1.03
CA LEU A 118 4.46 0.96 -0.31
C LEU A 118 3.39 -0.06 -0.63
N HIS A 119 2.26 0.43 -1.14
CA HIS A 119 1.16 -0.41 -1.58
C HIS A 119 0.91 -0.22 -3.06
N LEU A 120 1.09 -1.29 -3.83
CA LEU A 120 0.81 -1.31 -5.26
C LEU A 120 -0.51 -2.03 -5.40
N VAL A 121 -1.54 -1.29 -5.79
CA VAL A 121 -2.92 -1.73 -5.77
C VAL A 121 -3.35 -2.23 -7.14
N HIS A 122 -3.87 -3.44 -7.21
CA HIS A 122 -4.30 -4.04 -8.46
C HIS A 122 -5.69 -4.63 -8.30
N TRP A 123 -6.49 -4.63 -9.38
CA TRP A 123 -7.86 -5.16 -9.33
C TRP A 123 -8.03 -6.31 -10.33
N ASN A 124 -8.85 -7.29 -9.94
CA ASN A 124 -9.10 -8.49 -10.71
C ASN A 124 -9.92 -8.17 -11.94
N THR A 125 -9.34 -8.43 -13.12
CA THR A 125 -9.99 -8.01 -14.36
C THR A 125 -11.31 -8.73 -14.60
N LYS A 126 -11.56 -9.85 -13.92
CA LYS A 126 -12.82 -10.55 -14.16
C LYS A 126 -13.99 -9.72 -13.67
N TYR A 127 -13.75 -8.70 -12.84
CA TYR A 127 -14.81 -7.83 -12.33
C TYR A 127 -14.94 -6.51 -13.09
N GLY A 128 -14.15 -6.29 -14.12
CA GLY A 128 -14.46 -5.24 -15.08
C GLY A 128 -14.02 -3.84 -14.71
N ASP A 129 -14.20 -3.40 -13.47
CA ASP A 129 -13.50 -2.18 -13.09
C ASP A 129 -13.30 -2.20 -11.58
N PHE A 130 -12.58 -1.18 -11.10
CA PHE A 130 -12.14 -1.16 -9.71
C PHE A 130 -13.31 -1.08 -8.75
N GLY A 131 -14.34 -0.30 -9.10
CA GLY A 131 -15.48 -0.13 -8.21
C GLY A 131 -16.24 -1.42 -7.96
N LYS A 132 -16.35 -2.26 -8.98
N LYS A 132 -16.35 -2.26 -8.98
CA LYS A 132 -16.98 -3.57 -8.81
CA LYS A 132 -16.98 -3.57 -8.82
C LYS A 132 -16.04 -4.53 -8.07
C LYS A 132 -16.05 -4.56 -8.13
N ALA A 133 -14.74 -4.45 -8.36
CA ALA A 133 -13.79 -5.36 -7.73
C ALA A 133 -13.79 -5.23 -6.21
N VAL A 134 -13.90 -4.01 -5.68
CA VAL A 134 -13.81 -3.82 -4.22
C VAL A 134 -15.01 -4.42 -3.51
N GLN A 135 -16.03 -4.82 -4.26
CA GLN A 135 -17.22 -5.45 -3.69
C GLN A 135 -17.08 -6.96 -3.65
N GLN A 136 -15.92 -7.50 -3.98
CA GLN A 136 -15.72 -8.94 -4.11
C GLN A 136 -14.59 -9.40 -3.17
N PRO A 137 -14.70 -10.60 -2.59
CA PRO A 137 -13.66 -11.07 -1.66
C PRO A 137 -12.32 -11.30 -2.30
N ASP A 138 -12.27 -11.51 -3.61
CA ASP A 138 -11.05 -11.69 -4.38
C ASP A 138 -10.91 -10.57 -5.41
N GLY A 139 -11.33 -9.36 -5.06
CA GLY A 139 -11.33 -8.28 -6.03
C GLY A 139 -10.02 -7.56 -6.21
N LEU A 140 -9.21 -7.48 -5.16
CA LEU A 140 -7.97 -6.76 -5.23
C LEU A 140 -6.80 -7.64 -4.84
N ALA A 141 -5.64 -7.30 -5.35
CA ALA A 141 -4.38 -7.84 -4.87
C ALA A 141 -3.50 -6.65 -4.59
N VAL A 142 -3.08 -6.46 -3.35
CA VAL A 142 -2.20 -5.37 -3.01
C VAL A 142 -0.82 -5.96 -2.68
N LEU A 143 0.17 -5.47 -3.38
CA LEU A 143 1.56 -5.82 -3.14
C LEU A 143 2.17 -4.80 -2.18
N GLY A 144 2.56 -5.27 -1.00
CA GLY A 144 3.11 -4.40 0.03
C GLY A 144 4.61 -4.60 0.11
N ILE A 145 5.32 -3.50 0.23
CA ILE A 145 6.78 -3.49 0.25
C ILE A 145 7.24 -2.54 1.35
N PHE A 146 8.05 -3.06 2.26
CA PHE A 146 8.49 -2.24 3.37
C PHE A 146 9.63 -1.33 2.94
N LEU A 147 9.72 -0.15 3.56
CA LEU A 147 10.81 0.80 3.37
C LEU A 147 11.57 0.94 4.68
N LYS A 148 12.89 0.75 4.62
CA LYS A 148 13.77 1.06 5.73
C LYS A 148 14.66 2.22 5.31
N VAL A 149 15.12 2.98 6.29
CA VAL A 149 15.96 4.15 6.03
C VAL A 149 17.42 3.71 6.01
N GLY A 150 18.10 4.04 4.92
CA GLY A 150 19.49 3.73 4.74
C GLY A 150 19.96 4.42 3.47
N SER A 151 20.38 3.65 2.49
CA SER A 151 20.76 4.22 1.21
C SER A 151 19.53 4.66 0.42
N ALA A 152 19.71 5.65 -0.46
CA ALA A 152 18.60 6.14 -1.26
C ALA A 152 18.15 5.09 -2.27
N LYS A 153 16.88 5.16 -2.61
CA LYS A 153 16.33 4.34 -3.68
C LYS A 153 16.27 5.19 -4.94
N PRO A 154 17.14 4.95 -5.92
CA PRO A 154 17.15 5.84 -7.09
C PRO A 154 15.79 5.95 -7.76
N GLY A 155 15.06 4.85 -7.86
CA GLY A 155 13.79 4.81 -8.57
C GLY A 155 12.67 5.55 -7.89
N LEU A 156 12.86 5.93 -6.64
CA LEU A 156 11.87 6.71 -5.95
C LEU A 156 12.07 8.20 -6.11
N GLN A 157 13.24 8.65 -6.58
CA GLN A 157 13.54 10.07 -6.53
C GLN A 157 12.57 10.90 -7.39
N LYS A 158 12.12 10.39 -8.54
CA LYS A 158 11.15 11.16 -9.33
C LYS A 158 9.87 11.43 -8.54
N VAL A 159 9.45 10.48 -7.71
CA VAL A 159 8.29 10.69 -6.86
C VAL A 159 8.59 11.78 -5.86
N VAL A 160 9.71 11.65 -5.15
CA VAL A 160 10.08 12.63 -4.13
C VAL A 160 10.10 14.04 -4.71
N ASP A 161 10.60 14.21 -5.93
CA ASP A 161 10.83 15.56 -6.42
C ASP A 161 9.59 16.28 -6.91
N VAL A 162 8.48 15.57 -7.16
CA VAL A 162 7.24 16.23 -7.57
C VAL A 162 6.38 16.60 -6.37
N LEU A 163 6.74 16.18 -5.15
CA LEU A 163 5.84 16.35 -4.02
C LEU A 163 5.63 17.82 -3.66
N ASP A 164 6.62 18.68 -3.93
CA ASP A 164 6.42 20.12 -3.73
C ASP A 164 5.20 20.64 -4.48
N SER A 165 4.86 20.03 -5.61
CA SER A 165 3.79 20.52 -6.46
C SER A 165 2.42 19.98 -6.06
N ILE A 166 2.36 19.04 -5.09
CA ILE A 166 1.09 18.51 -4.57
C ILE A 166 1.08 18.56 -3.05
N LYS A 167 1.49 19.70 -2.50
CA LYS A 167 1.69 19.76 -1.06
C LYS A 167 0.40 19.50 -0.32
N THR A 168 -0.72 19.97 -0.86
CA THR A 168 -1.97 20.02 -0.12
C THR A 168 -3.07 19.18 -0.76
N LYS A 169 -4.06 18.84 0.06
CA LYS A 169 -5.17 17.99 -0.33
C LYS A 169 -5.86 18.53 -1.56
N GLY A 170 -6.10 17.66 -2.54
CA GLY A 170 -6.75 18.00 -3.80
C GLY A 170 -5.84 18.44 -4.93
N LYS A 171 -4.57 18.68 -4.65
CA LYS A 171 -3.63 19.00 -5.72
C LYS A 171 -3.18 17.74 -6.44
N SER A 172 -2.99 17.88 -7.75
CA SER A 172 -2.50 16.82 -8.61
C SER A 172 -1.54 17.42 -9.62
N ALA A 173 -0.74 16.54 -10.20
CA ALA A 173 0.28 16.94 -11.16
C ALA A 173 0.42 15.82 -12.16
N ASP A 174 0.69 16.17 -13.41
CA ASP A 174 1.00 15.16 -14.41
C ASP A 174 2.19 14.34 -13.91
N PHE A 175 2.16 13.04 -14.16
CA PHE A 175 3.21 12.14 -13.69
C PHE A 175 3.31 10.98 -14.68
N THR A 176 3.70 11.29 -15.92
CA THR A 176 3.78 10.29 -16.95
C THR A 176 5.16 9.63 -16.95
N ASN A 177 5.23 8.44 -17.54
CA ASN A 177 6.48 7.77 -17.80
C ASN A 177 7.25 7.38 -16.55
N PHE A 178 6.56 7.10 -15.46
CA PHE A 178 7.22 6.62 -14.27
C PHE A 178 7.22 5.10 -14.29
N ASP A 179 8.38 4.50 -14.02
CA ASP A 179 8.54 3.05 -14.09
C ASP A 179 8.48 2.44 -12.70
N PRO A 180 7.40 1.75 -12.34
CA PRO A 180 7.30 1.23 -10.97
C PRO A 180 8.23 0.07 -10.67
N ARG A 181 8.89 -0.49 -11.68
CA ARG A 181 9.86 -1.56 -11.42
C ARG A 181 11.02 -1.07 -10.59
N GLY A 182 11.30 0.23 -10.64
CA GLY A 182 12.36 0.82 -9.86
C GLY A 182 12.09 0.91 -8.38
N LEU A 183 10.87 0.51 -7.95
CA LEU A 183 10.52 0.50 -6.54
C LEU A 183 10.60 -0.90 -5.91
N LEU A 184 10.93 -1.99 -6.74
CA LEU A 184 10.88 -3.35 -6.22
C LEU A 184 12.23 -3.77 -5.63
N PRO A 185 12.25 -4.64 -4.65
CA PRO A 185 13.52 -5.19 -4.15
C PRO A 185 13.96 -6.30 -5.10
N GLU A 186 15.11 -6.90 -4.80
CA GLU A 186 15.66 -7.94 -5.65
C GLU A 186 14.78 -9.17 -5.60
N SER A 187 14.37 -9.57 -4.40
CA SER A 187 13.65 -10.83 -4.23
C SER A 187 12.16 -10.59 -4.23
N LEU A 188 11.42 -11.53 -4.79
CA LEU A 188 9.96 -11.53 -4.76
C LEU A 188 9.38 -12.56 -3.78
N ASP A 189 10.19 -13.03 -2.84
CA ASP A 189 9.68 -13.88 -1.76
C ASP A 189 8.63 -13.11 -0.98
N TYR A 190 7.54 -13.78 -0.59
CA TYR A 190 6.43 -13.06 -0.01
C TYR A 190 5.70 -13.86 1.06
N TRP A 191 4.94 -13.14 1.87
CA TRP A 191 3.88 -13.68 2.70
C TRP A 191 2.53 -13.29 2.11
N THR A 192 1.50 -14.09 2.32
CA THR A 192 0.18 -13.78 1.77
C THR A 192 -0.92 -14.20 2.73
N TYR A 193 -1.97 -13.39 2.78
CA TYR A 193 -3.13 -13.70 3.61
C TYR A 193 -4.31 -12.88 3.13
N PRO A 194 -5.54 -13.30 3.46
CA PRO A 194 -6.72 -12.55 3.02
C PRO A 194 -6.99 -11.41 3.98
N GLY A 195 -7.22 -10.22 3.42
CA GLY A 195 -7.47 -9.06 4.25
C GLY A 195 -8.32 -8.00 3.62
N SER A 196 -8.01 -6.74 3.96
CA SER A 196 -8.89 -5.62 3.61
C SER A 196 -8.12 -4.40 3.17
N LEU A 197 -8.85 -3.42 2.62
CA LEU A 197 -8.35 -2.07 2.53
C LEU A 197 -8.00 -1.62 3.93
N THR A 198 -6.92 -0.87 4.08
CA THR A 198 -6.47 -0.39 5.37
C THR A 198 -6.96 1.02 5.67
N THR A 199 -7.74 1.64 4.77
CA THR A 199 -8.41 2.91 5.02
C THR A 199 -9.89 2.71 4.75
N PRO A 200 -10.76 3.53 5.35
CA PRO A 200 -12.16 3.49 4.99
C PRO A 200 -12.31 3.53 3.48
N PRO A 201 -13.23 2.75 2.90
CA PRO A 201 -14.27 1.97 3.59
C PRO A 201 -13.89 0.60 4.18
N LEU A 202 -12.60 0.25 4.23
CA LEU A 202 -12.12 -0.94 4.97
C LEU A 202 -12.70 -2.24 4.39
N LEU A 203 -13.00 -2.25 3.09
CA LEU A 203 -13.67 -3.41 2.49
C LEU A 203 -12.76 -4.64 2.49
N GLU A 204 -13.38 -5.80 2.69
CA GLU A 204 -12.68 -7.06 2.84
C GLU A 204 -12.57 -7.76 1.47
N CYS A 205 -11.76 -7.14 0.62
CA CYS A 205 -11.67 -7.49 -0.78
C CYS A 205 -10.25 -7.71 -1.23
N VAL A 206 -9.27 -7.81 -0.32
CA VAL A 206 -7.84 -7.79 -0.69
C VAL A 206 -7.16 -9.14 -0.42
N THR A 207 -6.48 -9.67 -1.41
CA THR A 207 -5.42 -10.66 -1.21
C THR A 207 -4.13 -9.89 -0.98
N TRP A 208 -3.59 -9.96 0.23
CA TRP A 208 -2.37 -9.24 0.57
C TRP A 208 -1.15 -10.07 0.21
N ILE A 209 -0.19 -9.45 -0.46
CA ILE A 209 1.05 -10.10 -0.83
C ILE A 209 2.14 -9.16 -0.34
N VAL A 210 2.81 -9.52 0.76
CA VAL A 210 3.79 -8.66 1.42
C VAL A 210 5.17 -9.23 1.18
N LEU A 211 6.05 -8.46 0.53
CA LEU A 211 7.40 -8.94 0.22
C LEU A 211 8.25 -8.98 1.48
N LYS A 212 9.07 -10.02 1.59
CA LYS A 212 9.96 -10.18 2.74
C LYS A 212 11.10 -9.18 2.73
N GLU A 213 11.60 -8.83 1.54
CA GLU A 213 12.78 -7.97 1.40
C GLU A 213 12.34 -6.52 1.34
N PRO A 214 12.66 -5.71 2.33
CA PRO A 214 12.40 -4.28 2.22
C PRO A 214 13.29 -3.62 1.18
N ILE A 215 12.87 -2.43 0.78
CA ILE A 215 13.69 -1.54 -0.01
C ILE A 215 14.29 -0.50 0.93
N SER A 216 15.49 -0.03 0.60
N SER A 216 15.45 0.04 0.55
CA SER A 216 16.11 1.06 1.34
CA SER A 216 16.14 1.06 1.32
C SER A 216 15.84 2.39 0.66
C SER A 216 15.90 2.42 0.66
N VAL A 217 15.45 3.39 1.45
CA VAL A 217 15.29 4.78 1.01
C VAL A 217 16.14 5.64 1.93
N SER A 218 16.49 6.83 1.46
CA SER A 218 17.34 7.66 2.30
C SER A 218 16.49 8.45 3.29
N SER A 219 17.15 8.93 4.34
CA SER A 219 16.48 9.80 5.30
C SER A 219 15.93 11.04 4.64
N GLU A 220 16.64 11.59 3.63
CA GLU A 220 16.15 12.77 2.93
C GLU A 220 14.90 12.45 2.12
N GLN A 221 14.83 11.25 1.53
CA GLN A 221 13.65 10.88 0.76
C GLN A 221 12.40 10.83 1.63
N VAL A 222 12.46 10.14 2.77
CA VAL A 222 11.30 10.08 3.65
C VAL A 222 11.04 11.44 4.31
N LEU A 223 12.10 12.22 4.56
CA LEU A 223 11.91 13.58 5.03
C LEU A 223 10.92 14.35 4.17
N LYS A 224 11.02 14.16 2.85
CA LYS A 224 10.21 14.91 1.89
C LYS A 224 8.78 14.43 1.89
N PHE A 225 8.56 13.13 2.15
CA PHE A 225 7.18 12.68 2.36
C PHE A 225 6.55 13.45 3.50
N ARG A 226 7.31 13.72 4.57
CA ARG A 226 6.79 14.33 5.78
C ARG A 226 6.50 15.83 5.67
N LYS A 227 6.86 16.44 4.55
CA LYS A 227 6.54 17.83 4.29
C LYS A 227 5.20 18.00 3.61
N LEU A 228 4.58 16.91 3.18
CA LEU A 228 3.26 17.01 2.61
C LEU A 228 2.27 17.40 3.69
N ASN A 229 1.05 17.77 3.26
CA ASN A 229 0.01 18.25 4.17
C ASN A 229 -1.25 17.44 3.99
N PHE A 230 -1.89 17.12 5.11
CA PHE A 230 -3.24 16.54 5.07
C PHE A 230 -4.28 17.58 4.66
N ASN A 231 -4.06 18.83 5.04
CA ASN A 231 -5.02 19.90 4.80
C ASN A 231 -4.98 20.41 3.37
N GLY A 232 -6.07 21.11 2.99
CA GLY A 232 -6.11 21.85 1.74
C GLY A 232 -5.38 23.18 1.82
N GLU A 233 -5.07 23.72 0.65
CA GLU A 233 -4.45 25.04 0.57
C GLU A 233 -5.32 26.07 1.29
N GLY A 234 -4.67 26.94 2.05
CA GLY A 234 -5.39 27.95 2.80
C GLY A 234 -5.96 27.57 4.15
N GLU A 235 -5.70 26.31 4.69
CA GLU A 235 -6.27 25.81 5.94
C GLU A 235 -5.31 25.23 6.92
N PRO A 236 -5.36 25.66 8.22
CA PRO A 236 -4.17 25.43 9.09
C PRO A 236 -3.31 24.21 8.66
N GLU A 237 -1.98 24.37 8.66
CA GLU A 237 -1.08 23.32 8.18
C GLU A 237 -1.01 22.14 9.15
N GLU A 238 -1.28 20.94 8.63
CA GLU A 238 -1.14 19.69 9.37
C GLU A 238 -0.27 18.78 8.54
N LEU A 239 0.92 18.48 9.04
CA LEU A 239 1.84 17.64 8.29
C LEU A 239 1.28 16.24 8.08
N MET A 240 1.47 15.72 6.86
CA MET A 240 1.02 14.38 6.48
C MET A 240 2.08 13.41 6.99
N VAL A 241 1.88 12.95 8.24
CA VAL A 241 2.75 11.97 8.86
C VAL A 241 1.86 11.02 9.66
N ASP A 242 2.39 9.81 9.91
CA ASP A 242 1.69 8.77 10.67
C ASP A 242 0.31 8.47 10.07
N ASN A 243 0.28 8.32 8.74
CA ASN A 243 -0.92 7.95 8.01
C ASN A 243 -1.00 6.44 7.86
N TRP A 244 -0.77 5.73 8.95
CA TRP A 244 -0.80 4.27 8.99
C TRP A 244 -1.85 3.80 9.98
N ARG A 245 -2.50 2.69 9.65
CA ARG A 245 -3.39 2.00 10.56
C ARG A 245 -2.60 0.94 11.30
N PRO A 246 -2.76 0.79 12.60
CA PRO A 246 -1.99 -0.24 13.31
C PRO A 246 -2.52 -1.63 13.03
N ALA A 247 -1.73 -2.62 13.43
CA ALA A 247 -2.08 -4.01 13.18
C ALA A 247 -3.38 -4.38 13.87
N GLN A 248 -4.16 -5.18 13.18
CA GLN A 248 -5.48 -5.61 13.57
C GLN A 248 -5.48 -7.09 13.90
N PRO A 249 -6.46 -7.57 14.65
CA PRO A 249 -6.43 -8.96 15.09
C PRO A 249 -6.46 -9.92 13.91
N LEU A 250 -5.64 -10.97 14.00
CA LEU A 250 -5.56 -11.93 12.89
C LEU A 250 -6.80 -12.79 12.81
N LYS A 251 -7.43 -13.07 13.94
CA LYS A 251 -8.67 -13.86 13.97
C LYS A 251 -8.41 -15.20 13.28
N ASN A 252 -9.33 -15.65 12.43
CA ASN A 252 -9.29 -17.01 11.87
C ASN A 252 -8.55 -17.03 10.55
N ARG A 253 -7.29 -16.59 10.59
CA ARG A 253 -6.54 -16.51 9.35
C ARG A 253 -5.14 -17.06 9.55
N GLN A 254 -4.63 -17.66 8.48
CA GLN A 254 -3.24 -18.11 8.43
C GLN A 254 -2.47 -17.30 7.39
N ILE A 255 -1.27 -16.89 7.74
CA ILE A 255 -0.34 -16.26 6.80
C ILE A 255 0.55 -17.35 6.23
N LYS A 256 0.65 -17.40 4.92
CA LYS A 256 1.44 -18.40 4.24
C LYS A 256 2.67 -17.74 3.64
N ALA A 257 3.78 -18.45 3.68
CA ALA A 257 5.05 -17.96 3.16
C ALA A 257 5.38 -18.70 1.88
N SER A 258 5.92 -17.98 0.91
CA SER A 258 6.32 -18.58 -0.35
C SER A 258 7.71 -19.19 -0.29
N PHE A 259 8.41 -19.03 0.83
CA PHE A 259 9.84 -19.33 0.94
C PHE A 259 10.08 -20.05 2.25
N LYS A 260 11.11 -20.89 2.26
CA LYS A 260 11.52 -21.62 3.45
C LYS A 260 12.53 -20.75 4.16
ZN ZN B . -2.27 1.56 1.58
C10 ZUJ C . -13.54 7.96 -8.14
C13 ZUJ C . -10.02 4.17 -4.76
C17 ZUJ C . -8.08 2.11 -1.72
C20 ZUJ C . -6.03 0.80 -0.07
C21 ZUJ C . -6.07 0.74 -1.48
C22 ZUJ C . -7.06 1.37 -2.26
C01 ZUJ C . -12.61 7.04 -7.75
C02 ZUJ C . -12.71 6.57 -6.58
C03 ZUJ C . -11.82 5.68 -6.06
C04 ZUJ C . -10.64 5.24 -6.79
C05 ZUJ C . -10.43 5.77 -8.06
C06 ZUJ C . -11.41 6.68 -8.54
C08 ZUJ C . -12.29 8.27 -9.81
C09 ZUJ C . -12.97 8.92 -8.95
C14 ZUJ C . -8.89 3.48 -3.86
C18 ZUJ C . -8.07 2.18 -0.30
C19 ZUJ C . -7.07 1.53 0.48
N16 ZUJ C . -9.06 2.74 -2.59
N26 ZUJ C . -4.14 1.09 1.87
O07 ZUJ C . -11.25 7.19 -9.69
O11 ZUJ C . -12.72 8.25 -10.90
O12 ZUJ C . -9.78 4.34 -6.15
O15 ZUJ C . -7.73 3.61 -4.33
O24 ZUJ C . -3.74 -0.37 -0.11
O25 ZUJ C . -5.34 -1.12 1.56
S23 ZUJ C . -4.76 -0.01 0.83
H101 ZUJ C . -14.44 7.98 -7.92
H132 ZUJ C . -10.81 3.63 -4.67
H131 ZUJ C . -10.19 5.04 -4.38
H211 ZUJ C . -5.43 0.26 -1.93
H221 ZUJ C . -7.03 1.29 -3.19
H021 ZUJ C . -13.42 6.83 -6.03
H031 ZUJ C . -11.98 5.34 -5.20
H051 ZUJ C . -9.67 5.50 -8.54
H091 ZUJ C . -13.03 9.84 -8.90
H181 ZUJ C . -8.74 2.68 0.13
H191 ZUJ C . -7.12 1.60 1.40
H161 ZUJ C . -9.88 2.70 -2.33
H261 ZUJ C . -3.33 1.38 1.93
H262 ZUJ C . -4.55 1.51 2.50
#